data_2N96
#
_entry.id   2N96
#
loop_
_entity.id
_entity.type
_entity.pdbx_description
1 polymer "DNA (5'-D(*GP*CP*TP*AP*TP*AP*GP*C)-3')"
2 non-polymer "(1R,1'R,2S,2'S,3R,3'R,5aR,10aR,11a'S)-2'-[(2,6-dideoxy-3-O-methyl-alpha-L-arabino-hexopyranosyl)oxy]-2,2'-diethyl-11,11 '-dihydrazinyl-6,6',9,9'-tetrahydroxy-4,4',5,5',10,10'-hexaoxo-1,1'-bis{[2,4,6-trideoxy-4-(dimethylamino)-beta-L-arabino -hexopyranosyl]oxy}[2,2',3,3',4,4',5,5',5a,8,10,10',10a,11a'-tetradecahydro-1H,1'H-[3,3'-bibenzo[b]fluorene]]-2-yl 2,6-dideoxy-3-O-methyl-alpha-L-arabino-hexopyranoside"
#
_entity_poly.entity_id   1
_entity_poly.type   'polydeoxyribonucleotide'
_entity_poly.pdbx_seq_one_letter_code
;(DG)(DC)(DT)(DA)(DT)(DA)(DG)(DC)
;
_entity_poly.pdbx_strand_id   X,Y
#